data_5M4M
#
_entry.id   5M4M
#
_cell.length_a   108.651
_cell.length_b   108.651
_cell.length_c   83.657
_cell.angle_alpha   90.00
_cell.angle_beta   90.00
_cell.angle_gamma   120.00
#
_symmetry.space_group_name_H-M   'P 64'
#
loop_
_entity.id
_entity.type
_entity.pdbx_description
1 polymer '[Pyruvate dehydrogenase (acetyl-transferring)] kinase isozyme 2, mitochondrial'
2 non-polymer ~{N}-[4-[methyl(quinoxalin-6-ylmethyl)carbamoyl]phenyl]-2,4-bis(oxidanyl)-~{N}-(phenylmethyl)benzamide
3 non-polymer 'N-(2-AMINOETHYL)-2-{3-CHLORO-4-[(4-ISOPROPYLBENZYL)OXY]PHENYL} ACETAMIDE'
4 non-polymer 'CHLORIDE ION'
5 water water
#
_entity_poly.entity_id   1
_entity_poly.type   'polypeptide(L)'
_entity_poly.pdbx_seq_one_letter_code
;MRWVWALLKNASLAGSAPKYIEHFSKFSPSPLSMKQFLDFGSSNACEKTSFTFLRQELPVRLANIMKEINLLPDRVLSTP
SVQLVQSWYVQSLLDIMEFLDKDPEDHRTLSQFTDALVTIRNRHNDVVPTMAQGVLEYKDTYGDDPVSNQNIQYFLDRFY
LSRISIRMLINQHTLIFDGSTNPAHPKHIGSIDPNCNVSEVVKDAYDMAKLLCDKYYMASPDLEIQEINAANSKQPIHMV
YVPSHLYHMLFELFKNAMRATVESHESSLILPPIKVMVALGEEDLSIKMSDRGGGVPLRKIERLFSYMYSTAPTPQPGTG
GTPLAGFGYGLPISRLYAKYFQGDLQLFSMEGFGTDAVIYLKALSTDSVERLPVYNKSAWRHYQTIQEAGDWCVPSTEPK
NTSTYRVS
;
_entity_poly.pdbx_strand_id   A
#
loop_
_chem_comp.id
_chem_comp.type
_chem_comp.name
_chem_comp.formula
7FW non-polymer ~{N}-[4-[methyl(quinoxalin-6-ylmethyl)carbamoyl]phenyl]-2,4-bis(oxidanyl)-~{N}-(phenylmethyl)benzamide 'C31 H26 N4 O4'
CL non-polymer 'CHLORIDE ION' 'Cl -1'
TF3 non-polymer 'N-(2-AMINOETHYL)-2-{3-CHLORO-4-[(4-ISOPROPYLBENZYL)OXY]PHENYL} ACETAMIDE' 'C20 H25 Cl N2 O2'
#
# COMPACT_ATOMS: atom_id res chain seq x y z
N GLY A 15 19.75 26.60 -5.81
CA GLY A 15 19.20 25.74 -6.91
C GLY A 15 17.74 26.03 -7.24
N SER A 16 17.20 25.19 -8.12
CA SER A 16 15.84 25.35 -8.68
C SER A 16 14.71 24.58 -7.94
N ALA A 17 15.02 23.74 -6.96
CA ALA A 17 13.99 22.86 -6.39
C ALA A 17 12.68 23.62 -6.17
N PRO A 18 12.68 24.65 -5.27
CA PRO A 18 11.37 25.26 -4.91
C PRO A 18 10.58 25.85 -6.08
N LYS A 19 11.30 26.17 -7.16
CA LYS A 19 10.68 26.62 -8.39
C LYS A 19 9.95 25.48 -9.09
N TYR A 20 10.67 24.38 -9.30
CA TYR A 20 10.10 23.16 -9.88
C TYR A 20 8.89 22.66 -9.11
N ILE A 21 9.07 22.55 -7.80
CA ILE A 21 7.97 22.27 -6.92
C ILE A 21 6.85 23.19 -7.29
N GLU A 22 7.13 24.48 -7.28
CA GLU A 22 6.15 25.48 -7.65
C GLU A 22 5.41 25.23 -8.98
N HIS A 23 6.18 24.94 -10.03
CA HIS A 23 5.66 24.75 -11.39
C HIS A 23 4.74 23.55 -11.46
N PHE A 24 5.35 22.38 -11.26
CA PHE A 24 4.66 21.07 -11.31
C PHE A 24 3.56 20.82 -10.29
N SER A 25 3.61 21.48 -9.14
CA SER A 25 2.49 21.45 -8.21
C SER A 25 1.32 22.34 -8.63
N LYS A 26 1.34 22.88 -9.85
CA LYS A 26 0.15 23.55 -10.43
C LYS A 26 -0.70 22.52 -11.17
N PHE A 27 -0.07 21.40 -11.51
CA PHE A 27 -0.72 20.31 -12.19
C PHE A 27 -1.41 19.38 -11.19
N SER A 28 -2.34 18.59 -11.70
CA SER A 28 -2.98 17.55 -10.91
C SER A 28 -2.47 16.17 -11.30
N PRO A 29 -2.01 15.37 -10.31
CA PRO A 29 -1.74 13.99 -10.71
C PRO A 29 -2.90 13.43 -11.52
N SER A 30 -2.57 12.68 -12.57
CA SER A 30 -3.56 12.03 -13.44
C SER A 30 -3.77 10.57 -13.03
N PRO A 31 -4.91 10.25 -12.40
CA PRO A 31 -5.14 8.86 -12.07
C PRO A 31 -5.27 8.00 -13.32
N LEU A 32 -4.70 6.80 -13.28
CA LEU A 32 -4.88 5.81 -14.37
C LEU A 32 -5.76 4.69 -13.92
N SER A 33 -6.33 4.01 -14.90
CA SER A 33 -7.11 2.82 -14.64
C SER A 33 -6.33 1.61 -15.06
N MET A 34 -6.76 0.46 -14.56
CA MET A 34 -6.15 -0.79 -14.95
C MET A 34 -6.15 -0.92 -16.44
N LYS A 35 -7.26 -0.65 -17.13
CA LYS A 35 -7.16 -0.72 -18.59
C LYS A 35 -5.88 0.01 -19.09
N GLN A 36 -5.79 1.29 -18.80
CA GLN A 36 -4.69 2.15 -19.27
C GLN A 36 -3.35 1.58 -18.87
N PHE A 37 -3.32 0.99 -17.69
CA PHE A 37 -2.12 0.33 -17.19
C PHE A 37 -1.73 -0.89 -18.05
N LEU A 38 -2.72 -1.67 -18.44
CA LEU A 38 -2.54 -2.87 -19.25
C LEU A 38 -2.13 -2.53 -20.67
N ASP A 39 -2.70 -1.44 -21.18
CA ASP A 39 -2.43 -1.04 -22.54
C ASP A 39 -1.01 -0.50 -22.69
N PHE A 40 -0.35 -0.17 -21.57
CA PHE A 40 1.00 0.43 -21.58
C PHE A 40 2.15 -0.54 -21.87
N GLY A 41 1.88 -1.85 -21.95
CA GLY A 41 2.91 -2.80 -22.39
C GLY A 41 2.32 -4.04 -22.97
N SER A 42 1.47 -3.87 -23.99
CA SER A 42 0.80 -4.98 -24.72
C SER A 42 0.84 -4.75 -26.24
N ASN A 44 4.25 -3.48 -25.46
CA ASN A 44 5.59 -2.86 -25.47
C ASN A 44 5.89 -2.09 -26.79
N ALA A 45 7.15 -1.68 -26.99
CA ALA A 45 7.58 -0.68 -28.05
C ALA A 45 6.90 0.73 -28.02
N CYS A 46 5.88 0.87 -27.16
CA CYS A 46 5.35 2.15 -26.74
C CYS A 46 5.96 2.38 -25.36
N GLU A 47 7.28 2.21 -25.30
CA GLU A 47 8.08 2.54 -24.12
C GLU A 47 8.34 4.03 -24.15
N LYS A 48 8.57 4.54 -25.37
CA LYS A 48 8.70 5.97 -25.63
C LYS A 48 7.49 6.66 -25.01
N THR A 49 6.33 6.05 -25.19
CA THR A 49 5.10 6.58 -24.63
C THR A 49 5.06 6.51 -23.13
N SER A 50 5.64 5.48 -22.53
CA SER A 50 5.73 5.45 -21.07
C SER A 50 6.68 6.57 -20.65
N PHE A 51 7.82 6.64 -21.33
CA PHE A 51 8.82 7.67 -21.04
C PHE A 51 8.27 9.10 -21.10
N THR A 52 7.73 9.50 -22.24
CA THR A 52 7.13 10.83 -22.38
C THR A 52 6.08 11.08 -21.31
N PHE A 53 5.33 10.06 -20.93
CA PHE A 53 4.31 10.24 -19.89
C PHE A 53 4.97 10.48 -18.55
N LEU A 54 5.92 9.60 -18.20
CA LEU A 54 6.43 9.55 -16.85
C LEU A 54 7.26 10.73 -16.51
N ARG A 55 7.90 11.31 -17.52
CA ARG A 55 8.78 12.45 -17.26
C ARG A 55 7.95 13.67 -16.90
N GLN A 56 6.69 13.68 -17.33
CA GLN A 56 5.77 14.70 -16.86
C GLN A 56 5.18 14.34 -15.51
N GLU A 57 4.58 13.15 -15.42
CA GLU A 57 3.71 12.79 -14.29
C GLU A 57 4.43 12.57 -12.97
N LEU A 58 5.64 11.99 -12.97
CA LEU A 58 6.42 11.83 -11.71
C LEU A 58 6.72 13.19 -11.08
N PRO A 59 7.31 14.11 -11.84
CA PRO A 59 7.46 15.45 -11.31
C PRO A 59 6.16 16.08 -10.76
N VAL A 60 5.04 15.89 -11.45
CA VAL A 60 3.72 16.33 -10.94
C VAL A 60 3.50 15.76 -9.55
N ARG A 61 3.58 14.44 -9.47
CA ARG A 61 3.21 13.70 -8.25
C ARG A 61 4.17 13.93 -7.12
N LEU A 62 5.46 13.89 -7.43
CA LEU A 62 6.55 14.24 -6.51
C LEU A 62 6.34 15.60 -5.88
N ALA A 63 6.01 16.55 -6.74
CA ALA A 63 5.82 17.95 -6.35
C ALA A 63 4.61 18.15 -5.50
N ASN A 64 3.53 17.48 -5.84
CA ASN A 64 2.29 17.65 -5.09
C ASN A 64 2.45 17.20 -3.64
N ILE A 65 3.09 16.07 -3.43
CA ILE A 65 3.32 15.66 -2.08
C ILE A 65 4.36 16.58 -1.44
N MET A 66 5.43 16.89 -2.17
CA MET A 66 6.48 17.76 -1.62
C MET A 66 5.93 19.09 -1.04
N LYS A 67 4.98 19.67 -1.76
CA LYS A 67 4.28 20.87 -1.31
C LYS A 67 3.52 20.60 -0.03
N GLU A 68 2.93 19.42 0.10
CA GLU A 68 2.18 19.11 1.31
C GLU A 68 3.11 18.95 2.52
N ILE A 69 4.21 18.23 2.31
CA ILE A 69 5.27 18.19 3.29
C ILE A 69 5.60 19.64 3.78
N ASN A 70 5.75 20.60 2.86
CA ASN A 70 5.98 22.02 3.26
C ASN A 70 4.88 22.66 4.09
N LEU A 71 3.64 22.24 3.98
CA LEU A 71 2.59 22.85 4.81
C LEU A 71 2.65 22.41 6.26
N LEU A 72 3.60 21.53 6.59
CA LEU A 72 3.74 21.08 7.96
C LEU A 72 4.37 22.14 8.84
N PRO A 73 3.85 22.27 10.07
CA PRO A 73 4.43 23.29 10.96
C PRO A 73 5.94 23.10 11.16
N ASP A 74 6.67 24.17 11.48
CA ASP A 74 8.14 24.05 11.49
C ASP A 74 8.62 23.04 12.51
N ARG A 75 7.90 22.92 13.63
CA ARG A 75 8.30 21.95 14.65
C ARG A 75 8.32 20.49 14.17
N VAL A 76 7.52 20.18 13.13
CA VAL A 76 7.55 18.89 12.47
C VAL A 76 8.57 18.95 11.35
N LEU A 77 8.36 19.84 10.40
CA LEU A 77 9.25 19.95 9.27
C LEU A 77 10.73 20.06 9.66
N SER A 78 11.05 20.69 10.78
CA SER A 78 12.44 20.93 11.10
C SER A 78 13.12 19.69 11.67
N THR A 79 12.39 18.59 11.83
CA THR A 79 12.96 17.41 12.48
C THR A 79 13.81 16.68 11.47
N PRO A 80 14.84 15.94 11.94
CA PRO A 80 15.79 15.24 11.10
C PRO A 80 15.17 14.29 10.15
N SER A 81 14.15 13.57 10.62
CA SER A 81 13.48 12.53 9.81
C SER A 81 12.81 13.08 8.58
N VAL A 82 11.94 14.07 8.76
CA VAL A 82 11.30 14.75 7.64
C VAL A 82 12.33 15.38 6.68
N GLN A 83 13.23 16.18 7.25
CA GLN A 83 14.22 16.85 6.44
C GLN A 83 14.92 15.79 5.62
N LEU A 84 15.04 14.56 6.14
CA LEU A 84 15.71 13.52 5.36
C LEU A 84 14.93 13.16 4.13
N VAL A 85 13.69 12.73 4.33
CA VAL A 85 12.89 12.24 3.19
C VAL A 85 12.63 13.38 2.22
N GLN A 86 12.55 14.59 2.72
CA GLN A 86 12.41 15.73 1.86
C GLN A 86 13.63 15.88 0.97
N SER A 87 14.81 15.58 1.48
CA SER A 87 15.99 15.65 0.67
C SER A 87 15.94 14.59 -0.41
N TRP A 88 15.34 13.42 -0.10
CA TRP A 88 15.21 12.39 -1.12
C TRP A 88 14.29 12.84 -2.23
N TYR A 89 13.13 13.36 -1.85
CA TYR A 89 12.17 13.74 -2.86
C TYR A 89 12.80 14.78 -3.81
N VAL A 90 13.55 15.75 -3.27
CA VAL A 90 14.24 16.78 -4.08
C VAL A 90 15.19 16.13 -5.08
N GLN A 91 15.99 15.17 -4.63
CA GLN A 91 16.97 14.59 -5.51
C GLN A 91 16.30 13.81 -6.62
N SER A 92 15.19 13.17 -6.28
CA SER A 92 14.50 12.29 -7.19
C SER A 92 13.85 13.11 -8.30
N LEU A 93 13.22 14.21 -7.90
CA LEU A 93 12.69 15.18 -8.83
C LEU A 93 13.78 15.73 -9.75
N LEU A 94 14.90 16.14 -9.16
CA LEU A 94 16.05 16.55 -9.98
C LEU A 94 16.42 15.44 -10.95
N ASP A 95 16.64 14.23 -10.42
CA ASP A 95 17.00 13.10 -11.24
C ASP A 95 16.10 13.06 -12.47
N ILE A 96 14.77 13.15 -12.27
CA ILE A 96 13.80 13.06 -13.40
C ILE A 96 13.82 14.31 -14.30
N MET A 97 14.12 15.47 -13.71
CA MET A 97 14.31 16.71 -14.50
C MET A 97 15.23 16.55 -15.70
N GLU A 98 16.37 15.88 -15.49
CA GLU A 98 17.41 15.77 -16.51
C GLU A 98 16.88 15.33 -17.85
N PHE A 99 15.68 14.77 -17.86
CA PHE A 99 15.17 14.10 -19.03
C PHE A 99 14.09 14.89 -19.77
N LEU A 100 13.72 16.06 -19.24
CA LEU A 100 12.67 16.87 -19.83
C LEU A 100 13.00 17.37 -21.23
N ASP A 101 14.28 17.71 -21.45
CA ASP A 101 14.81 18.11 -22.78
C ASP A 101 15.04 16.87 -23.67
N LYS A 102 15.59 15.79 -23.09
CA LYS A 102 16.08 14.59 -23.82
C LYS A 102 15.05 14.04 -24.83
N ASP A 103 15.57 13.35 -25.85
CA ASP A 103 14.75 12.93 -26.99
C ASP A 103 14.42 11.39 -26.93
N PRO A 104 13.11 11.07 -26.96
CA PRO A 104 12.60 9.70 -26.78
C PRO A 104 13.05 8.65 -27.81
N GLU A 105 13.67 9.07 -28.91
CA GLU A 105 14.10 8.16 -29.96
C GLU A 105 15.53 7.61 -29.76
N ASP A 106 16.30 8.22 -28.85
CA ASP A 106 17.64 7.75 -28.53
C ASP A 106 17.53 6.65 -27.48
N HIS A 107 17.81 5.42 -27.90
CA HIS A 107 17.62 4.22 -27.08
C HIS A 107 18.44 4.26 -25.77
N ARG A 108 19.42 5.17 -25.68
CA ARG A 108 20.17 5.41 -24.41
C ARG A 108 19.45 6.38 -23.48
N THR A 109 18.91 7.46 -24.06
CA THR A 109 17.97 8.33 -23.34
C THR A 109 17.02 7.42 -22.55
N LEU A 110 16.49 6.40 -23.21
CA LEU A 110 15.49 5.51 -22.61
C LEU A 110 16.01 4.60 -21.53
N SER A 111 17.11 3.91 -21.82
CA SER A 111 17.62 2.90 -20.90
C SER A 111 18.31 3.55 -19.69
N GLN A 112 18.76 4.80 -19.80
CA GLN A 112 19.32 5.51 -18.62
C GLN A 112 18.25 6.23 -17.80
N PHE A 113 17.03 6.22 -18.31
CA PHE A 113 15.85 6.62 -17.55
C PHE A 113 15.45 5.46 -16.64
N THR A 114 15.50 4.26 -17.18
CA THR A 114 15.20 3.10 -16.39
C THR A 114 16.10 3.05 -15.16
N ASP A 115 17.41 3.23 -15.37
CA ASP A 115 18.39 3.23 -14.27
C ASP A 115 18.05 4.28 -13.25
N ALA A 116 17.72 5.46 -13.78
CA ALA A 116 17.28 6.58 -13.00
C ALA A 116 16.07 6.23 -12.17
N LEU A 117 15.09 5.54 -12.75
CA LEU A 117 13.92 5.15 -11.96
C LEU A 117 14.30 4.13 -10.93
N VAL A 118 15.16 3.18 -11.29
CA VAL A 118 15.55 2.11 -10.38
C VAL A 118 16.21 2.73 -9.16
N THR A 119 17.25 3.52 -9.43
CA THR A 119 17.99 4.27 -8.40
C THR A 119 17.08 5.08 -7.46
N ILE A 120 16.09 5.77 -8.04
CA ILE A 120 15.11 6.52 -7.24
C ILE A 120 14.37 5.57 -6.31
N ARG A 121 13.91 4.46 -6.84
CA ARG A 121 13.09 3.55 -6.06
C ARG A 121 13.86 3.02 -4.84
N ASN A 122 15.16 2.77 -5.03
CA ASN A 122 16.02 2.31 -3.92
C ASN A 122 16.25 3.44 -2.93
N ARG A 123 16.51 4.64 -3.44
CA ARG A 123 16.62 5.82 -2.57
C ARG A 123 15.46 5.92 -1.55
N HIS A 124 14.22 5.73 -2.01
CA HIS A 124 13.03 5.85 -1.18
C HIS A 124 12.65 4.64 -0.30
N ASN A 125 13.41 3.55 -0.32
CA ASN A 125 13.00 2.31 0.37
C ASN A 125 12.54 2.47 1.82
N ASP A 126 13.39 3.13 2.61
CA ASP A 126 13.19 3.24 4.05
C ASP A 126 12.33 4.41 4.49
N VAL A 127 11.58 4.99 3.56
CA VAL A 127 10.67 6.07 3.94
C VAL A 127 9.81 5.70 5.10
N VAL A 128 9.34 4.46 5.16
CA VAL A 128 8.29 4.12 6.11
C VAL A 128 8.84 4.14 7.55
N PRO A 129 9.90 3.36 7.87
CA PRO A 129 10.42 3.50 9.23
C PRO A 129 11.06 4.87 9.51
N THR A 130 11.40 5.63 8.44
CA THR A 130 11.92 6.98 8.62
C THR A 130 10.81 7.89 9.16
N MET A 131 9.68 7.98 8.48
CA MET A 131 8.56 8.75 9.02
C MET A 131 8.18 8.26 10.39
N ALA A 132 8.22 6.96 10.59
CA ALA A 132 7.95 6.37 11.89
C ALA A 132 8.77 7.01 13.00
N GLN A 133 10.02 7.31 12.69
CA GLN A 133 10.95 7.93 13.63
C GLN A 133 10.53 9.41 13.93
N GLY A 134 10.04 10.11 12.89
CA GLY A 134 9.49 11.44 13.05
C GLY A 134 8.28 11.47 13.95
N VAL A 135 7.35 10.56 13.70
CA VAL A 135 6.20 10.37 14.61
C VAL A 135 6.66 10.14 16.05
N LEU A 136 7.64 9.26 16.20
CA LEU A 136 8.16 8.90 17.51
C LEU A 136 8.66 10.11 18.25
N GLU A 137 9.59 10.82 17.62
CA GLU A 137 10.17 12.02 18.18
C GLU A 137 9.07 13.00 18.54
N TYR A 138 8.16 13.22 17.59
CA TYR A 138 7.01 14.09 17.83
C TYR A 138 6.20 13.71 19.09
N LYS A 139 5.96 12.41 19.28
CA LYS A 139 5.14 11.90 20.41
C LYS A 139 5.76 12.25 21.74
N ASP A 140 7.07 12.08 21.86
CA ASP A 140 7.74 12.39 23.14
C ASP A 140 8.03 13.87 23.28
N THR A 141 8.12 14.54 22.16
CA THR A 141 8.53 15.91 22.13
C THR A 141 7.33 16.94 22.24
N TYR A 142 6.14 16.59 21.77
CA TYR A 142 4.96 17.48 21.84
C TYR A 142 3.69 16.89 22.41
N GLY A 143 3.69 15.58 22.67
CA GLY A 143 2.54 14.88 23.25
C GLY A 143 1.79 13.99 22.26
N ASP A 144 0.86 13.21 22.82
CA ASP A 144 0.05 12.27 22.03
C ASP A 144 -1.42 12.54 22.30
N ASP A 145 -1.83 13.75 21.96
CA ASP A 145 -3.22 14.16 22.09
C ASP A 145 -4.02 13.77 20.82
N PRO A 146 -5.33 13.51 20.96
CA PRO A 146 -6.20 13.32 19.81
C PRO A 146 -5.99 14.22 18.60
N VAL A 147 -5.65 15.49 18.85
CA VAL A 147 -5.53 16.43 17.73
C VAL A 147 -4.21 16.21 16.96
N SER A 148 -3.14 15.89 17.69
CA SER A 148 -1.87 15.52 17.07
C SER A 148 -2.11 14.28 16.24
N ASN A 149 -2.92 13.40 16.80
CA ASN A 149 -3.28 12.15 16.15
C ASN A 149 -4.14 12.29 14.86
N GLN A 150 -5.18 13.13 14.83
CA GLN A 150 -5.89 13.39 13.56
C GLN A 150 -4.93 13.90 12.50
N ASN A 151 -3.96 14.68 12.95
CA ASN A 151 -3.09 15.35 12.03
C ASN A 151 -2.04 14.50 11.41
N ILE A 152 -1.32 13.76 12.25
CA ILE A 152 -0.46 12.68 11.79
C ILE A 152 -1.22 11.77 10.80
N GLN A 153 -2.36 11.21 11.24
CA GLN A 153 -3.17 10.35 10.41
C GLN A 153 -3.43 10.93 9.05
N TYR A 154 -3.91 12.18 9.07
CA TYR A 154 -4.32 12.88 7.87
C TYR A 154 -3.12 12.97 6.87
N PHE A 155 -1.97 13.46 7.38
CA PHE A 155 -0.78 13.59 6.57
C PHE A 155 -0.22 12.26 6.13
N LEU A 156 -0.12 11.29 7.03
CA LEU A 156 0.52 10.03 6.62
C LEU A 156 -0.35 9.21 5.70
N ASP A 157 -1.68 9.27 5.85
CA ASP A 157 -2.55 8.51 4.96
C ASP A 157 -2.34 9.02 3.56
N ARG A 158 -2.33 10.34 3.39
CA ARG A 158 -2.10 10.96 2.06
C ARG A 158 -0.70 10.71 1.46
N PHE A 159 0.31 10.78 2.32
CA PHE A 159 1.70 10.69 1.92
C PHE A 159 2.01 9.29 1.42
N TYR A 160 1.65 8.33 2.27
CA TYR A 160 1.89 6.96 1.95
C TYR A 160 1.08 6.61 0.74
N LEU A 161 -0.18 7.03 0.70
CA LEU A 161 -0.95 6.80 -0.50
C LEU A 161 -0.22 7.37 -1.70
N SER A 162 0.24 8.62 -1.59
CA SER A 162 0.99 9.28 -2.68
C SER A 162 2.09 8.38 -3.16
N ARG A 163 2.84 7.91 -2.17
CA ARG A 163 4.04 7.13 -2.42
C ARG A 163 3.74 5.78 -3.06
N ILE A 164 2.66 5.14 -2.61
CA ILE A 164 2.22 3.91 -3.23
C ILE A 164 2.04 4.08 -4.73
N SER A 165 1.41 5.18 -5.12
CA SER A 165 1.11 5.45 -6.52
C SER A 165 2.34 5.85 -7.33
N ILE A 166 3.26 6.56 -6.68
CA ILE A 166 4.52 6.80 -7.33
C ILE A 166 5.18 5.43 -7.62
N ARG A 167 5.23 4.55 -6.61
CA ARG A 167 5.90 3.28 -6.80
C ARG A 167 5.25 2.49 -7.92
N MET A 168 3.92 2.42 -7.88
CA MET A 168 3.19 1.73 -8.91
C MET A 168 3.67 2.15 -10.29
N LEU A 169 3.82 3.44 -10.48
CA LEU A 169 4.33 3.94 -11.73
C LEU A 169 5.72 3.45 -12.01
N ILE A 170 6.65 3.62 -11.08
CA ILE A 170 8.03 3.23 -11.35
C ILE A 170 8.09 1.75 -11.70
N ASN A 171 7.52 0.93 -10.84
CA ASN A 171 7.52 -0.51 -11.06
C ASN A 171 6.92 -0.95 -12.38
N GLN A 172 5.78 -0.38 -12.78
CA GLN A 172 5.23 -0.67 -14.09
C GLN A 172 6.23 -0.40 -15.17
N HIS A 173 6.81 0.79 -15.17
CA HIS A 173 7.84 1.08 -16.16
C HIS A 173 9.04 0.12 -16.12
N THR A 174 9.76 0.01 -14.98
CA THR A 174 11.00 -0.80 -14.94
C THR A 174 10.80 -2.30 -15.22
N LEU A 175 9.63 -2.84 -14.87
CA LEU A 175 9.31 -4.29 -15.05
C LEU A 175 8.91 -4.68 -16.48
N ILE A 176 8.32 -3.74 -17.21
CA ILE A 176 7.95 -3.98 -18.59
C ILE A 176 9.14 -3.80 -19.50
N PHE A 177 9.94 -2.74 -19.30
CA PHE A 177 11.02 -2.42 -20.25
C PHE A 177 12.46 -2.70 -19.77
N ASP A 178 12.68 -3.92 -19.30
CA ASP A 178 14.04 -4.50 -19.13
C ASP A 178 14.89 -4.49 -20.44
N PRO A 186 3.93 -12.47 -22.49
CA PRO A 186 2.76 -11.83 -21.89
C PRO A 186 2.34 -12.41 -20.53
N LYS A 187 1.05 -12.65 -20.38
CA LYS A 187 0.42 -13.10 -19.13
C LYS A 187 0.46 -12.03 -18.05
N HIS A 188 1.58 -11.86 -17.38
CA HIS A 188 1.66 -10.79 -16.38
C HIS A 188 2.13 -9.51 -17.01
N ILE A 189 1.50 -8.39 -16.68
CA ILE A 189 1.92 -7.07 -17.19
C ILE A 189 2.55 -6.27 -16.08
N GLY A 190 3.85 -6.37 -15.92
CA GLY A 190 4.52 -5.69 -14.82
C GLY A 190 4.05 -6.29 -13.49
N SER A 191 3.53 -5.48 -12.58
CA SER A 191 2.98 -5.96 -11.32
C SER A 191 1.49 -6.31 -11.37
N ILE A 192 0.87 -6.15 -12.54
CA ILE A 192 -0.53 -6.57 -12.76
C ILE A 192 -0.70 -8.02 -13.30
N ASP A 193 -1.46 -8.86 -12.57
CA ASP A 193 -1.93 -10.14 -13.13
C ASP A 193 -3.35 -9.91 -13.66
N PRO A 194 -3.55 -10.02 -14.99
CA PRO A 194 -4.89 -9.80 -15.51
C PRO A 194 -5.79 -10.98 -15.20
N ASN A 195 -5.19 -11.96 -14.51
CA ASN A 195 -5.82 -13.22 -14.19
C ASN A 195 -5.58 -13.78 -12.81
N CYS A 196 -5.35 -12.86 -11.87
CA CYS A 196 -5.11 -13.13 -10.46
C CYS A 196 -6.10 -14.09 -9.83
N ASN A 197 -5.63 -15.24 -9.34
CA ASN A 197 -6.53 -16.14 -8.64
C ASN A 197 -6.49 -15.76 -7.17
N VAL A 198 -7.56 -15.12 -6.72
CA VAL A 198 -7.60 -14.58 -5.37
C VAL A 198 -7.26 -15.64 -4.32
N SER A 199 -7.91 -16.79 -4.40
CA SER A 199 -7.67 -17.87 -3.43
C SER A 199 -6.21 -18.34 -3.39
N GLU A 200 -5.59 -18.36 -4.57
CA GLU A 200 -4.20 -18.70 -4.68
C GLU A 200 -3.40 -17.75 -3.82
N VAL A 201 -3.67 -16.46 -3.99
CA VAL A 201 -2.95 -15.45 -3.23
C VAL A 201 -3.24 -15.56 -1.74
N VAL A 202 -4.48 -15.89 -1.41
CA VAL A 202 -4.83 -16.10 0.01
C VAL A 202 -4.03 -17.22 0.64
N LYS A 203 -4.01 -18.37 -0.03
CA LYS A 203 -3.28 -19.54 0.50
C LYS A 203 -1.83 -19.14 0.72
N ASP A 204 -1.19 -18.52 -0.28
CA ASP A 204 0.24 -18.12 -0.18
C ASP A 204 0.50 -17.26 1.04
N ALA A 205 -0.32 -16.22 1.21
CA ALA A 205 -0.12 -15.31 2.34
C ALA A 205 -0.25 -16.11 3.63
N TYR A 206 -1.17 -17.07 3.63
CA TYR A 206 -1.46 -17.87 4.80
C TYR A 206 -0.33 -18.82 5.07
N ASP A 207 0.13 -19.51 4.04
CA ASP A 207 1.28 -20.39 4.19
C ASP A 207 2.45 -19.63 4.85
N MET A 208 2.70 -18.44 4.36
CA MET A 208 3.83 -17.63 4.88
C MET A 208 3.60 -17.11 6.30
N ALA A 209 2.38 -16.74 6.65
CA ALA A 209 2.12 -16.23 7.99
C ALA A 209 2.23 -17.38 8.99
N LYS A 210 1.78 -18.56 8.56
CA LYS A 210 1.81 -19.77 9.37
C LYS A 210 3.21 -20.18 9.68
N LEU A 211 4.05 -20.07 8.65
CA LEU A 211 5.44 -20.36 8.78
C LEU A 211 6.03 -19.56 9.94
N LEU A 212 5.80 -18.25 9.93
CA LEU A 212 6.32 -17.39 10.99
C LEU A 212 5.58 -17.68 12.27
N CYS A 213 4.28 -17.92 12.16
CA CYS A 213 3.46 -18.23 13.35
C CYS A 213 3.92 -19.50 14.09
N ASP A 214 4.15 -20.57 13.32
CA ASP A 214 4.78 -21.82 13.84
C ASP A 214 6.12 -21.53 14.56
N LYS A 215 6.97 -20.74 13.91
CA LYS A 215 8.32 -20.47 14.38
C LYS A 215 8.31 -19.78 15.72
N TYR A 216 7.40 -18.84 15.93
CA TYR A 216 7.40 -18.03 17.16
C TYR A 216 6.39 -18.55 18.21
N TYR A 217 5.33 -19.19 17.79
CA TYR A 217 4.33 -19.67 18.76
C TYR A 217 4.30 -21.18 18.97
N MET A 218 4.78 -21.94 18.00
CA MET A 218 4.73 -23.43 17.99
C MET A 218 3.33 -24.02 17.96
N ALA A 219 2.41 -23.25 17.38
CA ALA A 219 1.03 -23.65 17.16
C ALA A 219 0.46 -22.61 16.19
N SER A 220 -0.26 -23.05 15.18
CA SER A 220 -0.77 -22.17 14.15
C SER A 220 -2.18 -22.66 13.79
N PRO A 221 -3.13 -21.75 13.54
CA PRO A 221 -4.48 -22.20 13.21
C PRO A 221 -4.53 -22.70 11.82
N ASP A 222 -5.45 -23.59 11.55
CA ASP A 222 -5.66 -24.02 10.15
C ASP A 222 -6.35 -22.91 9.38
N LEU A 223 -6.37 -23.04 8.05
CA LEU A 223 -7.07 -22.12 7.14
C LEU A 223 -8.24 -22.84 6.53
N GLU A 224 -9.37 -22.13 6.39
CA GLU A 224 -10.55 -22.59 5.65
C GLU A 224 -10.95 -21.53 4.65
N ILE A 225 -11.02 -21.84 3.35
CA ILE A 225 -11.50 -20.89 2.38
C ILE A 225 -12.80 -21.35 1.79
N GLN A 226 -13.73 -20.42 1.60
CA GLN A 226 -14.96 -20.62 0.89
C GLN A 226 -15.06 -19.50 -0.18
N GLU A 227 -15.54 -19.85 -1.35
CA GLU A 227 -15.72 -18.90 -2.39
C GLU A 227 -17.19 -18.78 -2.66
N ILE A 228 -17.63 -17.61 -3.11
CA ILE A 228 -19.01 -17.34 -3.46
C ILE A 228 -18.99 -16.54 -4.77
N ASN A 229 -19.03 -17.23 -5.89
CA ASN A 229 -19.13 -16.52 -7.15
C ASN A 229 -20.61 -16.38 -7.46
N ALA A 230 -21.16 -15.21 -7.18
CA ALA A 230 -22.60 -15.02 -7.19
C ALA A 230 -23.20 -15.27 -8.59
N ALA A 231 -22.61 -14.62 -9.59
CA ALA A 231 -23.05 -14.73 -10.99
C ALA A 231 -22.74 -16.09 -11.66
N ASN A 232 -21.71 -16.79 -11.20
CA ASN A 232 -21.29 -18.04 -11.83
C ASN A 232 -20.90 -19.07 -10.77
N SER A 233 -21.94 -19.52 -10.07
CA SER A 233 -21.86 -20.56 -9.05
C SER A 233 -20.57 -21.36 -9.09
N LYS A 234 -20.20 -21.85 -10.28
CA LYS A 234 -18.99 -22.67 -10.46
C LYS A 234 -17.62 -21.95 -10.59
N GLN A 235 -17.50 -20.91 -11.42
CA GLN A 235 -16.16 -20.38 -11.77
C GLN A 235 -15.26 -19.98 -10.60
N PRO A 236 -13.96 -20.32 -10.67
CA PRO A 236 -13.01 -19.78 -9.70
C PRO A 236 -12.92 -18.27 -9.86
N ILE A 237 -12.71 -17.58 -8.75
CA ILE A 237 -12.67 -16.10 -8.80
C ILE A 237 -11.29 -15.60 -9.17
N HIS A 238 -11.28 -14.91 -10.30
CA HIS A 238 -10.11 -14.29 -10.89
C HIS A 238 -10.48 -12.84 -11.01
N MET A 239 -9.48 -11.99 -10.98
CA MET A 239 -9.68 -10.55 -11.22
C MET A 239 -8.40 -10.01 -11.86
N VAL A 240 -8.49 -8.75 -12.25
CA VAL A 240 -7.34 -7.97 -12.66
C VAL A 240 -6.93 -7.20 -11.40
N TYR A 241 -5.70 -7.44 -10.93
CA TYR A 241 -5.19 -6.74 -9.76
C TYR A 241 -3.67 -6.72 -9.73
N VAL A 242 -3.16 -6.11 -8.68
CA VAL A 242 -1.75 -6.10 -8.39
C VAL A 242 -1.55 -7.08 -7.23
N PRO A 243 -1.13 -8.33 -7.56
CA PRO A 243 -1.16 -9.37 -6.51
C PRO A 243 -0.23 -9.15 -5.33
N SER A 244 0.94 -8.59 -5.55
CA SER A 244 1.79 -8.22 -4.44
C SER A 244 1.05 -7.29 -3.46
N HIS A 245 0.17 -6.44 -4.01
CA HIS A 245 -0.62 -5.53 -3.14
C HIS A 245 -1.54 -6.39 -2.27
N LEU A 246 -2.15 -7.39 -2.89
CA LEU A 246 -3.16 -8.21 -2.23
C LEU A 246 -2.51 -9.09 -1.17
N TYR A 247 -1.37 -9.65 -1.55
CA TYR A 247 -0.61 -10.45 -0.65
C TYR A 247 -0.24 -9.68 0.58
N HIS A 248 0.37 -8.51 0.41
CA HIS A 248 0.69 -7.62 1.53
C HIS A 248 -0.50 -7.49 2.47
N MET A 249 -1.65 -7.12 1.93
CA MET A 249 -2.77 -6.92 2.81
C MET A 249 -3.10 -8.22 3.53
N LEU A 250 -3.25 -9.32 2.79
CA LEU A 250 -3.64 -10.61 3.39
C LEU A 250 -2.65 -11.07 4.43
N PHE A 251 -1.39 -11.01 4.03
CA PHE A 251 -0.31 -11.31 4.94
C PHE A 251 -0.44 -10.60 6.26
N GLU A 252 -0.82 -9.34 6.23
CA GLU A 252 -0.89 -8.60 7.47
C GLU A 252 -2.07 -9.05 8.29
N LEU A 253 -3.16 -9.36 7.61
CA LEU A 253 -4.35 -9.76 8.31
C LEU A 253 -4.17 -11.14 8.92
N PHE A 254 -3.67 -12.09 8.14
CA PHE A 254 -3.14 -13.33 8.73
C PHE A 254 -2.27 -13.17 9.96
N LYS A 255 -1.17 -12.44 9.89
CA LYS A 255 -0.39 -12.24 11.10
C LYS A 255 -1.30 -11.94 12.27
N ASN A 256 -2.21 -11.01 12.12
CA ASN A 256 -2.98 -10.51 13.27
C ASN A 256 -3.96 -11.54 13.77
N ALA A 257 -4.62 -12.20 12.83
CA ALA A 257 -5.65 -13.14 13.20
C ALA A 257 -4.94 -14.34 13.86
N MET A 258 -3.73 -14.63 13.42
CA MET A 258 -2.97 -15.72 14.02
C MET A 258 -2.60 -15.33 15.46
N ARG A 259 -1.95 -14.18 15.65
CA ARG A 259 -1.58 -13.74 16.99
C ARG A 259 -2.78 -13.91 17.87
N ALA A 260 -3.92 -13.43 17.42
CA ALA A 260 -5.06 -13.33 18.31
C ALA A 260 -5.60 -14.70 18.62
N THR A 261 -5.71 -15.50 17.58
CA THR A 261 -6.17 -16.85 17.78
C THR A 261 -5.29 -17.60 18.82
N VAL A 262 -4.00 -17.73 18.52
CA VAL A 262 -3.07 -18.42 19.39
C VAL A 262 -3.12 -17.86 20.80
N GLU A 263 -2.97 -16.55 20.97
CA GLU A 263 -2.77 -16.02 22.32
C GLU A 263 -4.02 -16.12 23.19
N SER A 264 -5.19 -16.06 22.54
CA SER A 264 -6.44 -16.08 23.27
C SER A 264 -6.77 -17.49 23.73
N HIS A 265 -5.99 -18.47 23.30
CA HIS A 265 -6.32 -19.86 23.46
C HIS A 265 -5.16 -20.64 24.03
N GLU A 266 -4.21 -20.01 24.68
CA GLU A 266 -3.01 -20.77 25.05
C GLU A 266 -3.24 -21.73 26.19
N SER A 267 -4.25 -21.46 27.03
CA SER A 267 -4.63 -22.36 28.12
C SER A 267 -5.89 -23.05 27.67
N SER A 268 -5.83 -23.71 26.53
CA SER A 268 -7.00 -24.38 25.96
C SER A 268 -6.53 -25.18 24.79
N LEU A 269 -7.27 -26.22 24.42
CA LEU A 269 -6.69 -27.21 23.56
C LEU A 269 -6.91 -26.91 22.07
N ILE A 270 -8.18 -26.88 21.66
CA ILE A 270 -8.54 -26.45 20.30
C ILE A 270 -7.97 -25.07 19.95
N LEU A 271 -7.61 -24.94 18.67
CA LEU A 271 -7.18 -23.71 18.03
C LEU A 271 -8.13 -23.62 16.84
N PRO A 272 -9.09 -22.67 16.90
CA PRO A 272 -10.08 -22.56 15.85
C PRO A 272 -9.43 -22.08 14.59
N PRO A 273 -9.85 -22.61 13.43
CA PRO A 273 -9.22 -22.16 12.17
C PRO A 273 -9.52 -20.70 11.87
N ILE A 274 -8.76 -20.15 10.94
CA ILE A 274 -9.07 -18.85 10.39
C ILE A 274 -9.90 -19.05 9.10
N LYS A 275 -11.11 -18.49 9.04
CA LYS A 275 -11.99 -18.72 7.87
C LYS A 275 -11.98 -17.50 6.99
N VAL A 276 -11.73 -17.71 5.72
CA VAL A 276 -11.66 -16.67 4.77
C VAL A 276 -12.75 -16.96 3.75
N MET A 277 -13.44 -15.94 3.29
CA MET A 277 -14.44 -16.09 2.26
C MET A 277 -14.14 -15.11 1.13
N VAL A 278 -14.27 -15.54 -0.12
CA VAL A 278 -14.08 -14.64 -1.20
C VAL A 278 -15.37 -14.57 -1.96
N ALA A 279 -16.03 -13.42 -1.92
CA ALA A 279 -17.35 -13.18 -2.56
C ALA A 279 -17.13 -12.31 -3.77
N LEU A 280 -17.59 -12.72 -4.95
CA LEU A 280 -17.45 -11.94 -6.13
C LEU A 280 -18.88 -11.45 -6.47
N GLY A 281 -19.17 -10.15 -6.33
CA GLY A 281 -20.49 -9.54 -6.61
C GLY A 281 -20.35 -8.82 -7.94
N GLU A 282 -21.37 -8.03 -8.30
CA GLU A 282 -21.44 -7.29 -9.60
C GLU A 282 -20.43 -6.14 -9.70
N GLU A 283 -20.07 -5.55 -8.57
CA GLU A 283 -18.92 -4.63 -8.52
C GLU A 283 -17.90 -4.89 -7.40
N ASP A 284 -18.36 -5.45 -6.31
CA ASP A 284 -17.43 -5.75 -5.25
C ASP A 284 -16.79 -7.11 -5.42
N LEU A 285 -15.53 -7.18 -5.05
CA LEU A 285 -14.92 -8.44 -4.79
C LEU A 285 -14.47 -8.29 -3.37
N SER A 286 -15.03 -9.08 -2.48
CA SER A 286 -14.84 -8.87 -1.06
C SER A 286 -14.16 -10.10 -0.44
N ILE A 287 -13.22 -9.88 0.51
CA ILE A 287 -12.44 -10.94 1.12
C ILE A 287 -12.51 -10.74 2.63
N LYS A 288 -13.15 -11.68 3.28
CA LYS A 288 -13.34 -11.59 4.72
C LYS A 288 -12.46 -12.62 5.39
N MET A 289 -11.77 -12.23 6.44
CA MET A 289 -10.95 -13.13 7.20
C MET A 289 -11.49 -13.08 8.61
N SER A 290 -12.13 -14.16 9.01
CA SER A 290 -12.81 -14.23 10.29
C SER A 290 -11.99 -15.08 11.21
N ASP A 291 -11.71 -14.58 12.41
CA ASP A 291 -10.99 -15.35 13.46
C ASP A 291 -11.83 -15.41 14.71
N ARG A 292 -11.46 -16.33 15.60
CA ARG A 292 -12.06 -16.43 16.92
C ARG A 292 -10.98 -16.10 17.95
N GLY A 293 -10.37 -14.92 17.84
CA GLY A 293 -9.33 -14.49 18.78
C GLY A 293 -9.74 -13.76 20.02
N GLY A 294 -11.05 -13.66 20.24
CA GLY A 294 -11.59 -12.98 21.44
C GLY A 294 -11.89 -11.51 21.23
N GLY A 295 -11.49 -11.00 20.09
CA GLY A 295 -11.97 -9.72 19.62
C GLY A 295 -11.24 -8.57 20.28
N VAL A 296 -11.71 -7.37 19.92
CA VAL A 296 -11.33 -6.08 20.47
C VAL A 296 -12.63 -5.34 20.84
N PRO A 297 -12.68 -4.59 21.98
CA PRO A 297 -13.94 -3.81 22.19
C PRO A 297 -13.99 -2.62 21.25
N LEU A 298 -15.19 -2.12 20.99
CA LEU A 298 -15.38 -1.11 19.96
C LEU A 298 -14.48 0.14 20.15
N ARG A 299 -14.34 0.58 21.39
CA ARG A 299 -13.45 1.69 21.72
C ARG A 299 -12.01 1.63 21.17
N LYS A 300 -11.41 0.44 21.11
CA LYS A 300 -10.00 0.32 20.75
C LYS A 300 -9.83 -0.05 19.29
N ILE A 301 -10.92 0.00 18.52
CA ILE A 301 -10.88 -0.39 17.13
C ILE A 301 -10.26 0.73 16.32
N GLU A 302 -10.64 1.98 16.56
CA GLU A 302 -10.07 3.06 15.74
C GLU A 302 -8.57 3.21 15.94
N ARG A 303 -8.05 2.87 17.13
CA ARG A 303 -6.61 3.04 17.36
C ARG A 303 -5.76 2.07 16.56
N LEU A 304 -6.32 0.95 16.15
CA LEU A 304 -5.59 -0.02 15.36
C LEU A 304 -5.16 0.52 14.02
N PHE A 305 -5.81 1.54 13.52
CA PHE A 305 -5.43 2.07 12.22
C PHE A 305 -4.57 3.33 12.35
N SER A 306 -4.41 3.78 13.59
CA SER A 306 -3.68 4.99 13.92
C SER A 306 -2.17 4.80 13.89
N TYR A 307 -1.49 5.50 13.00
CA TYR A 307 -0.05 5.41 12.91
C TYR A 307 0.54 5.80 14.23
N MET A 308 -0.02 6.83 14.85
CA MET A 308 0.53 7.34 16.10
C MET A 308 0.43 6.30 17.24
N TYR A 309 -0.75 5.69 17.42
CA TYR A 309 -1.01 4.83 18.60
C TYR A 309 -0.28 3.53 18.40
N SER A 310 -0.05 3.17 17.14
CA SER A 310 0.73 1.99 16.80
C SER A 310 2.19 2.35 16.43
N THR A 311 2.73 3.34 17.14
CA THR A 311 4.16 3.70 17.11
C THR A 311 4.72 3.65 18.55
N ALA A 312 5.91 3.04 18.68
CA ALA A 312 6.53 2.78 19.98
C ALA A 312 8.07 2.76 19.83
N PRO A 313 8.82 2.88 20.93
CA PRO A 313 10.31 2.84 20.85
C PRO A 313 10.87 1.51 20.30
N PRO A 323 9.17 -11.50 17.05
CA PRO A 323 7.73 -11.71 17.28
C PRO A 323 6.93 -12.02 16.00
N LEU A 324 5.61 -11.98 16.11
CA LEU A 324 4.76 -12.19 14.94
C LEU A 324 3.94 -10.94 14.64
N ALA A 325 3.46 -10.28 15.70
CA ALA A 325 2.84 -8.98 15.57
C ALA A 325 2.90 -8.15 16.91
N GLY A 326 2.35 -6.92 16.91
CA GLY A 326 2.70 -5.79 17.81
C GLY A 326 3.59 -4.83 16.98
N PHE A 327 3.61 -5.08 15.66
CA PHE A 327 4.62 -4.73 14.63
C PHE A 327 4.07 -3.58 13.72
N GLY A 328 4.42 -2.32 14.02
CA GLY A 328 3.74 -1.11 13.48
C GLY A 328 3.51 -0.92 11.97
N TYR A 329 2.26 -0.59 11.63
CA TYR A 329 1.79 0.09 10.37
C TYR A 329 1.08 -0.77 9.35
N GLY A 330 1.21 -2.07 9.49
CA GLY A 330 0.61 -3.01 8.57
C GLY A 330 -0.84 -2.76 8.27
N LEU A 331 -1.67 -2.51 9.29
CA LEU A 331 -3.10 -2.23 9.04
C LEU A 331 -3.40 -0.96 8.21
N PRO A 332 -2.99 0.23 8.72
CA PRO A 332 -3.21 1.45 7.93
C PRO A 332 -2.60 1.36 6.56
N ILE A 333 -1.41 0.82 6.42
CA ILE A 333 -0.79 0.78 5.10
C ILE A 333 -1.54 -0.21 4.20
N SER A 334 -2.01 -1.29 4.80
CA SER A 334 -2.74 -2.31 4.05
C SER A 334 -4.01 -1.68 3.55
N ARG A 335 -4.59 -0.82 4.37
CA ARG A 335 -5.81 -0.16 4.01
C ARG A 335 -5.64 0.85 2.90
N LEU A 336 -4.55 1.62 2.94
CA LEU A 336 -4.18 2.48 1.80
C LEU A 336 -4.06 1.60 0.58
N TYR A 337 -3.33 0.49 0.68
CA TYR A 337 -3.23 -0.41 -0.50
C TYR A 337 -4.62 -0.67 -1.13
N ALA A 338 -5.60 -0.96 -0.28
CA ALA A 338 -6.96 -1.23 -0.72
C ALA A 338 -7.62 0.01 -1.27
N LYS A 339 -7.43 1.12 -0.58
CA LYS A 339 -8.03 2.36 -1.06
C LYS A 339 -7.54 2.72 -2.43
N TYR A 340 -6.34 2.27 -2.76
CA TYR A 340 -5.60 2.79 -3.89
C TYR A 340 -6.28 2.60 -5.23
N PHE A 341 -7.02 1.50 -5.41
CA PHE A 341 -7.91 1.31 -6.57
C PHE A 341 -9.38 1.27 -6.10
N GLN A 342 -9.74 2.24 -5.28
CA GLN A 342 -11.14 2.43 -4.89
C GLN A 342 -11.65 1.28 -4.09
N GLY A 343 -10.79 0.58 -3.37
CA GLY A 343 -11.24 -0.44 -2.45
C GLY A 343 -11.21 0.13 -1.06
N ASP A 344 -11.38 -0.71 -0.05
CA ASP A 344 -11.27 -0.29 1.35
C ASP A 344 -10.82 -1.49 2.15
N LEU A 345 -10.73 -1.33 3.45
CA LEU A 345 -10.38 -2.41 4.32
C LEU A 345 -10.93 -2.05 5.66
N GLN A 346 -11.86 -2.82 6.17
CA GLN A 346 -12.52 -2.49 7.44
C GLN A 346 -12.39 -3.63 8.40
N LEU A 347 -12.42 -3.31 9.69
CA LEU A 347 -12.42 -4.32 10.69
C LEU A 347 -13.65 -4.13 11.50
N PHE A 348 -14.36 -5.20 11.82
CA PHE A 348 -15.27 -5.15 13.00
C PHE A 348 -15.08 -6.40 13.82
N SER A 349 -15.24 -6.24 15.12
CA SER A 349 -14.88 -7.24 16.08
C SER A 349 -16.09 -7.47 16.99
N MET A 350 -16.14 -8.63 17.63
CA MET A 350 -17.11 -8.91 18.67
C MET A 350 -16.32 -9.19 19.93
N GLU A 351 -16.29 -8.29 20.91
CA GLU A 351 -15.44 -8.58 22.05
C GLU A 351 -16.03 -9.80 22.71
N GLY A 352 -15.13 -10.71 23.09
CA GLY A 352 -15.45 -12.05 23.59
C GLY A 352 -15.48 -13.20 22.59
N PHE A 353 -15.27 -12.93 21.30
CA PHE A 353 -15.46 -13.95 20.27
C PHE A 353 -14.37 -13.85 19.22
N GLY A 354 -14.31 -12.80 18.42
CA GLY A 354 -13.20 -12.60 17.50
C GLY A 354 -13.41 -11.46 16.54
N THR A 355 -12.55 -11.36 15.56
CA THR A 355 -12.55 -10.23 14.66
C THR A 355 -12.75 -10.60 13.20
N ASP A 356 -13.57 -9.86 12.47
CA ASP A 356 -13.68 -10.04 11.03
C ASP A 356 -12.94 -8.95 10.35
N ALA A 357 -12.38 -9.26 9.20
CA ALA A 357 -11.65 -8.23 8.48
C ALA A 357 -11.93 -8.33 7.01
N VAL A 358 -12.29 -7.21 6.43
CA VAL A 358 -12.80 -7.28 5.11
C VAL A 358 -11.95 -6.40 4.28
N ILE A 359 -11.47 -6.94 3.16
CA ILE A 359 -10.84 -6.21 2.10
C ILE A 359 -11.87 -6.09 1.03
N TYR A 360 -12.20 -4.88 0.63
CA TYR A 360 -13.15 -4.65 -0.46
C TYR A 360 -12.33 -4.18 -1.64
N LEU A 361 -12.52 -4.80 -2.81
CA LEU A 361 -11.83 -4.44 -4.06
C LEU A 361 -12.86 -4.30 -5.16
N LYS A 362 -12.51 -3.61 -6.22
CA LYS A 362 -13.43 -3.55 -7.32
C LYS A 362 -13.34 -4.84 -8.10
N ALA A 363 -14.50 -5.37 -8.49
CA ALA A 363 -14.50 -6.56 -9.33
C ALA A 363 -13.99 -6.23 -10.72
N LEU A 364 -14.44 -5.11 -11.26
CA LEU A 364 -14.27 -4.73 -12.67
C LEU A 364 -13.03 -3.85 -12.96
N SER A 365 -12.25 -4.21 -13.96
CA SER A 365 -11.07 -3.43 -14.35
C SER A 365 -11.43 -2.01 -14.60
N THR A 366 -12.49 -1.82 -15.38
CA THR A 366 -13.13 -0.51 -15.59
C THR A 366 -13.24 0.38 -14.34
N ASP A 367 -13.68 -0.18 -13.20
CA ASP A 367 -13.84 0.58 -11.95
C ASP A 367 -12.54 0.77 -11.10
N SER A 368 -11.44 0.15 -11.51
CA SER A 368 -10.24 0.12 -10.69
C SER A 368 -9.35 1.23 -11.18
N VAL A 369 -9.56 2.39 -10.60
CA VAL A 369 -8.88 3.59 -10.98
C VAL A 369 -8.06 4.01 -9.79
N GLU A 370 -6.86 4.45 -10.05
CA GLU A 370 -6.01 4.99 -9.01
C GLU A 370 -6.73 6.00 -8.22
N ARG A 371 -6.44 6.06 -6.93
CA ARG A 371 -6.99 7.06 -6.06
C ARG A 371 -5.77 7.79 -5.51
N LEU A 372 -5.64 9.06 -5.87
CA LEU A 372 -4.50 9.86 -5.51
C LEU A 372 -4.88 10.95 -4.49
N PRO A 373 -3.97 11.25 -3.54
CA PRO A 373 -4.32 12.28 -2.60
C PRO A 373 -4.60 13.58 -3.34
N VAL A 374 -5.60 14.29 -2.84
CA VAL A 374 -6.21 15.46 -3.48
C VAL A 374 -5.28 16.63 -3.96
N TYR A 375 -4.81 17.43 -2.99
CA TYR A 375 -4.06 18.68 -3.16
C TYR A 375 -4.97 19.80 -3.72
C1 7FW B . -7.14 -8.28 13.05
C2 7FW B . -7.49 -9.46 13.66
C3 7FW B . -7.66 -9.52 15.01
C4 7FW B . -7.49 -8.43 15.78
C5 7FW B . -7.16 -7.23 15.17
C6 7FW B . -6.97 -7.16 13.82
O7 7FW B . -6.98 -8.28 11.74
O8 7FW B . -7.98 -10.66 15.59
C9 7FW B . -7.70 -8.58 17.28
O10 7FW B . -8.79 -8.87 17.65
N11 7FW B . -6.67 -8.42 18.08
C12 7FW B . -6.87 -8.42 19.50
C13 7FW B . -6.04 -9.38 20.30
C14 7FW B . -6.59 -10.56 20.72
C15 7FW B . -5.84 -11.44 21.44
C16 7FW B . -4.53 -11.15 21.72
C17 7FW B . -3.97 -9.98 21.26
C18 7FW B . -4.73 -9.09 20.55
C19 7FW B . -5.59 -7.93 17.60
C20 7FW B . -4.74 -8.64 16.80
C21 7FW B . -3.62 -8.03 16.25
C22 7FW B . -3.43 -6.70 16.47
C23 7FW B . -4.30 -6.00 17.27
C24 7FW B . -5.38 -6.61 17.81
C25 7FW B . -2.20 -6.02 15.87
N26 7FW B . -0.97 -6.30 16.14
O27 7FW B . -2.51 -5.10 15.12
C28 7FW B . -0.67 -7.17 17.27
C29 7FW B . 0.09 -5.54 15.43
C30 7FW B . 0.40 -4.22 16.12
C31 7FW B . 1.48 -2.09 16.21
C32 7FW B . 1.18 -3.25 15.53
C33 7FW B . -0.06 -4.02 17.39
C34 7FW B . 1.01 -1.90 17.49
C35 7FW B . 0.23 -2.88 18.08
N36 7FW B . -0.24 -2.71 19.30
C37 7FW B . 0.03 -1.61 19.98
C38 7FW B . 0.82 -0.62 19.40
N39 7FW B . 1.28 -0.80 18.18
C1 TF3 C . 0.59 18.42 13.43
C2 TF3 C . 0.01 19.41 12.70
C3 TF3 C . 0.34 18.40 14.80
O1 TF3 C . 1.34 17.51 12.72
C4 TF3 C . -0.80 20.41 13.23
CL1 TF3 C . 0.37 19.32 11.04
C5 TF3 C . -0.47 19.39 15.37
C6 TF3 C . 2.05 16.45 13.40
C7 TF3 C . -1.05 20.41 14.61
C8 TF3 C . 2.89 15.62 12.67
C9 TF3 C . -1.93 21.53 15.29
C10 TF3 C . 3.86 14.84 13.32
C11 TF3 C . 2.78 15.58 11.28
C12 TF3 C . -1.65 23.00 14.76
C13 TF3 C . 4.71 14.02 12.58
C14 TF3 C . 3.63 14.75 10.55
N1 TF3 C . -2.78 23.69 14.52
O2 TF3 C . -0.50 23.47 14.60
C15 TF3 C . 4.59 14.00 11.20
C16 TF3 C . -2.84 25.10 14.01
C17 TF3 C . 5.46 13.11 10.37
C18 TF3 C . -4.08 25.82 14.55
C19 TF3 C . 6.73 12.73 11.12
C20 TF3 C . 4.69 11.82 10.14
N2 TF3 C . -4.91 26.35 13.46
CL CL D . -6.82 8.65 1.98
CL CL E . -13.48 0.18 10.66
CL CL F . 3.54 2.89 -17.11
#